data_9R1X
#
_entry.id   9R1X
#
_cell.length_a   112.515
_cell.length_b   104.497
_cell.length_c   71.329
_cell.angle_alpha   90.00
_cell.angle_beta   115.63
_cell.angle_gamma   90.00
#
_symmetry.space_group_name_H-M   'C 1 2 1'
#
loop_
_entity.id
_entity.type
_entity.pdbx_description
1 polymer 'Serine/threonine-protein kinase PLK1'
2 non-polymer 4-{[(7R)-8-cyclopentyl-7-ethyl-5-methyl-6-oxo-5,6,7,8-tetrahydropteridin-2-yl]amino}-3-methoxy-N-(1-methylpiperidin-4-yl)benzamide
3 non-polymer 'SULFATE ION'
4 non-polymer GLYCEROL
5 water water
#
_entity_poly.entity_id   1
_entity_poly.type   'polypeptide(L)'
_entity_poly.pdbx_seq_one_letter_code
;GSGKAGVPGVAAPGAPAAAPPAKEIPEVLVDPRSRRRYVRGRFLGKGGFAKCFEISDADTKEVFAGKIVPKSLLLKPHQR
EKMSMEISIHRSLAHQHVVGFHGFFEDNDFVFVVLELCRRRSLLELHKRRKALTEPEARYYLRQIVLGCQYLHRNRVIHR
DLKLGNLFLNEDLEVKIGDFGLATKVEYDGERKKTLCGTPNYIAPEVLSDAGHSFEVDVWSIGCIMYTLLVGKPPFETSC
LKETYLRIKKNEYSIPKHINPVAASLIQKMLQTDPTARPTINELLNDEFFTSGYIPARLPITCLTIPPRFSIAPSSLDPS
NRKPL
;
_entity_poly.pdbx_strand_id   A,B
#
# COMPACT_ATOMS: atom_id res chain seq x y z
N GLU A 24 -32.62 -24.57 -4.13
CA GLU A 24 -32.63 -23.40 -5.06
C GLU A 24 -32.83 -22.13 -4.23
N ILE A 25 -32.11 -21.04 -4.57
CA ILE A 25 -32.13 -19.74 -3.83
C ILE A 25 -33.02 -18.76 -4.61
N PRO A 26 -34.03 -18.13 -3.98
CA PRO A 26 -34.88 -17.15 -4.67
C PRO A 26 -34.09 -15.97 -5.26
N GLU A 27 -34.49 -15.50 -6.45
CA GLU A 27 -33.87 -14.35 -7.16
C GLU A 27 -34.16 -13.06 -6.37
N VAL A 28 -35.36 -12.96 -5.78
CA VAL A 28 -35.83 -11.81 -4.96
C VAL A 28 -36.19 -12.33 -3.56
N LEU A 29 -35.59 -11.74 -2.52
CA LEU A 29 -35.74 -12.16 -1.10
C LEU A 29 -36.82 -11.30 -0.43
N VAL A 30 -37.91 -11.93 0.03
CA VAL A 30 -39.12 -11.25 0.56
C VAL A 30 -39.19 -11.45 2.08
N ASP A 31 -39.57 -10.40 2.81
CA ASP A 31 -39.68 -10.37 4.30
C ASP A 31 -41.15 -10.26 4.68
N PRO A 32 -41.82 -11.36 5.09
CA PRO A 32 -43.22 -11.32 5.52
C PRO A 32 -43.52 -10.29 6.62
N ARG A 33 -42.55 -10.00 7.49
CA ARG A 33 -42.70 -9.11 8.68
C ARG A 33 -42.90 -7.66 8.22
N SER A 34 -41.85 -7.03 7.66
CA SER A 34 -41.76 -5.58 7.38
C SER A 34 -42.15 -5.26 5.93
N ARG A 35 -42.57 -6.26 5.15
CA ARG A 35 -43.03 -6.13 3.73
C ARG A 35 -41.92 -5.54 2.85
N ARG A 36 -40.68 -5.51 3.33
CA ARG A 36 -39.49 -5.05 2.56
C ARG A 36 -38.95 -6.25 1.77
N ARG A 37 -38.53 -6.02 0.53
CA ARG A 37 -38.06 -7.09 -0.40
C ARG A 37 -36.77 -6.64 -1.10
N TYR A 38 -35.86 -7.60 -1.32
CA TYR A 38 -34.50 -7.39 -1.87
C TYR A 38 -34.34 -8.21 -3.16
N VAL A 39 -33.31 -7.90 -3.95
CA VAL A 39 -32.98 -8.58 -5.24
C VAL A 39 -31.54 -9.08 -5.16
N ARG A 40 -31.32 -10.40 -5.28
CA ARG A 40 -29.97 -11.01 -5.27
C ARG A 40 -29.10 -10.30 -6.32
N GLY A 41 -27.89 -9.90 -5.92
CA GLY A 41 -26.88 -9.29 -6.81
C GLY A 41 -25.78 -10.29 -7.12
N ARG A 42 -24.55 -9.82 -7.31
CA ARG A 42 -23.35 -10.65 -7.60
C ARG A 42 -23.09 -11.58 -6.40
N PHE A 43 -22.59 -12.78 -6.66
CA PHE A 43 -22.12 -13.75 -5.63
C PHE A 43 -20.82 -13.21 -5.01
N LEU A 44 -20.82 -13.03 -3.69
CA LEU A 44 -19.65 -12.52 -2.90
C LEU A 44 -18.75 -13.69 -2.49
N GLY A 45 -19.36 -14.83 -2.12
CA GLY A 45 -18.65 -16.06 -1.71
C GLY A 45 -19.37 -16.76 -0.57
N LYS A 46 -18.86 -17.92 -0.16
CA LYS A 46 -19.44 -18.75 0.94
C LYS A 46 -18.83 -18.28 2.27
N GLY A 47 -19.64 -17.67 3.13
CA GLY A 47 -19.26 -17.24 4.49
C GLY A 47 -19.35 -18.39 5.47
N GLY A 48 -18.43 -19.35 5.36
CA GLY A 48 -18.45 -20.63 6.10
C GLY A 48 -19.63 -21.49 5.67
N PHE A 49 -20.67 -21.56 6.50
CA PHE A 49 -21.90 -22.36 6.30
C PHE A 49 -22.88 -21.63 5.38
N ALA A 50 -22.63 -20.34 5.10
CA ALA A 50 -23.55 -19.41 4.41
C ALA A 50 -23.23 -19.35 2.91
N LYS A 51 -24.15 -18.74 2.14
CA LYS A 51 -23.98 -18.33 0.72
C LYS A 51 -24.28 -16.83 0.64
N CYS A 52 -23.27 -16.00 0.37
CA CYS A 52 -23.35 -14.52 0.49
C CYS A 52 -23.36 -13.84 -0.89
N PHE A 53 -24.21 -12.82 -1.07
CA PHE A 53 -24.40 -12.03 -2.32
C PHE A 53 -24.56 -10.54 -1.97
N GLU A 54 -24.32 -9.66 -2.95
CA GLU A 54 -24.81 -8.26 -2.94
C GLU A 54 -26.34 -8.31 -3.05
N ILE A 55 -27.05 -7.48 -2.30
CA ILE A 55 -28.54 -7.30 -2.41
C ILE A 55 -28.85 -5.80 -2.33
N SER A 56 -29.93 -5.36 -2.98
CA SER A 56 -30.46 -3.98 -2.92
C SER A 56 -31.97 -4.02 -2.68
N ASP A 57 -32.47 -3.18 -1.76
CA ASP A 57 -33.92 -3.03 -1.44
C ASP A 57 -34.65 -2.52 -2.69
N ALA A 58 -35.85 -3.04 -2.95
CA ALA A 58 -36.66 -2.80 -4.17
C ALA A 58 -36.96 -1.30 -4.33
N ASP A 59 -37.28 -0.62 -3.22
CA ASP A 59 -37.75 0.80 -3.21
C ASP A 59 -36.55 1.74 -3.05
N THR A 60 -35.74 1.53 -2.00
CA THR A 60 -34.63 2.44 -1.58
C THR A 60 -33.46 2.33 -2.56
N LYS A 61 -33.24 1.15 -3.16
CA LYS A 61 -32.15 0.85 -4.11
C LYS A 61 -30.80 0.82 -3.38
N GLU A 62 -30.81 0.86 -2.04
CA GLU A 62 -29.61 0.86 -1.18
C GLU A 62 -29.02 -0.55 -1.20
N VAL A 63 -27.69 -0.66 -1.37
CA VAL A 63 -26.95 -1.95 -1.54
C VAL A 63 -26.47 -2.43 -0.16
N PHE A 64 -26.73 -3.70 0.15
CA PHE A 64 -26.32 -4.41 1.40
C PHE A 64 -25.59 -5.71 1.03
N ALA A 65 -25.04 -6.40 2.04
CA ALA A 65 -24.39 -7.73 1.92
C ALA A 65 -25.29 -8.79 2.55
N GLY A 66 -25.98 -9.58 1.72
CA GLY A 66 -26.85 -10.69 2.16
C GLY A 66 -26.03 -11.90 2.61
N LYS A 67 -26.46 -12.53 3.71
CA LYS A 67 -25.93 -13.83 4.20
C LYS A 67 -27.09 -14.82 4.28
N ILE A 68 -27.13 -15.78 3.35
CA ILE A 68 -28.27 -16.73 3.12
C ILE A 68 -27.84 -18.13 3.56
N VAL A 69 -28.38 -18.61 4.68
CA VAL A 69 -28.03 -19.91 5.31
C VAL A 69 -29.15 -20.91 4.99
N PRO A 70 -28.84 -22.07 4.37
CA PRO A 70 -29.80 -23.17 4.27
C PRO A 70 -30.31 -23.59 5.66
N LYS A 71 -31.63 -23.58 5.86
CA LYS A 71 -32.29 -23.95 7.14
C LYS A 71 -32.10 -25.45 7.39
N SER A 72 -31.85 -26.22 6.32
CA SER A 72 -31.55 -27.68 6.36
C SER A 72 -30.26 -27.94 7.13
N LEU A 73 -29.31 -27.00 7.08
CA LEU A 73 -28.02 -27.07 7.84
C LEU A 73 -28.25 -26.57 9.28
N LEU A 74 -29.24 -25.69 9.48
CA LEU A 74 -29.66 -25.17 10.81
C LEU A 74 -30.68 -26.12 11.46
N LEU A 75 -30.61 -27.41 11.14
CA LEU A 75 -31.51 -28.46 11.68
C LEU A 75 -30.87 -29.07 12.93
N LYS A 76 -29.55 -29.31 12.89
CA LYS A 76 -28.77 -29.81 14.05
C LYS A 76 -28.76 -28.72 15.12
N PRO A 77 -29.42 -28.92 16.27
CA PRO A 77 -29.59 -27.86 17.28
C PRO A 77 -28.31 -27.06 17.55
N HIS A 78 -27.18 -27.75 17.75
CA HIS A 78 -25.85 -27.15 18.06
CA HIS A 78 -25.86 -27.14 18.08
C HIS A 78 -25.57 -26.00 17.10
N GLN A 79 -26.06 -26.11 15.85
CA GLN A 79 -25.89 -25.11 14.77
C GLN A 79 -27.01 -24.06 14.84
N ARG A 80 -28.24 -24.48 15.16
CA ARG A 80 -29.40 -23.58 15.38
C ARG A 80 -29.06 -22.62 16.53
N GLU A 81 -28.42 -23.12 17.58
CA GLU A 81 -28.01 -22.33 18.78
C GLU A 81 -27.08 -21.20 18.33
N LYS A 82 -25.98 -21.57 17.67
CA LYS A 82 -24.94 -20.64 17.13
C LYS A 82 -25.62 -19.51 16.35
N MET A 83 -26.37 -19.87 15.31
CA MET A 83 -27.07 -18.91 14.41
C MET A 83 -27.88 -17.91 15.23
N SER A 84 -28.71 -18.40 16.17
CA SER A 84 -29.64 -17.55 16.96
C SER A 84 -28.84 -16.53 17.78
N MET A 85 -27.77 -16.98 18.44
CA MET A 85 -26.90 -16.17 19.33
C MET A 85 -26.14 -15.13 18.49
N GLU A 86 -25.65 -15.54 17.31
CA GLU A 86 -24.95 -14.66 16.34
C GLU A 86 -25.80 -13.42 16.05
N ILE A 87 -27.05 -13.63 15.62
CA ILE A 87 -28.03 -12.58 15.25
C ILE A 87 -28.41 -11.77 16.50
N SER A 88 -28.55 -12.43 17.65
CA SER A 88 -28.96 -11.83 18.95
C SER A 88 -27.91 -10.82 19.42
N ILE A 89 -26.63 -11.19 19.36
CA ILE A 89 -25.50 -10.34 19.80
C ILE A 89 -25.30 -9.22 18.78
N HIS A 90 -25.29 -9.55 17.48
CA HIS A 90 -24.97 -8.61 16.37
C HIS A 90 -26.05 -7.55 16.20
N ARG A 91 -27.33 -7.90 16.39
CA ARG A 91 -28.48 -6.97 16.20
C ARG A 91 -28.52 -5.96 17.35
N SER A 92 -27.86 -6.27 18.47
CA SER A 92 -27.80 -5.40 19.68
C SER A 92 -26.63 -4.42 19.59
N LEU A 93 -25.84 -4.47 18.52
CA LEU A 93 -24.55 -3.73 18.40
C LEU A 93 -24.63 -2.68 17.28
N ALA A 94 -24.21 -1.45 17.59
CA ALA A 94 -24.05 -0.32 16.65
C ALA A 94 -22.80 0.48 17.04
N HIS A 95 -21.74 0.36 16.25
CA HIS A 95 -20.46 1.11 16.37
C HIS A 95 -19.85 1.27 14.98
N GLN A 96 -19.08 2.34 14.75
CA GLN A 96 -18.54 2.70 13.42
C GLN A 96 -17.39 1.78 13.01
N HIS A 97 -16.87 0.96 13.94
CA HIS A 97 -15.88 -0.11 13.67
C HIS A 97 -16.49 -1.48 13.95
N VAL A 98 -17.82 -1.57 13.91
CA VAL A 98 -18.59 -2.85 13.92
C VAL A 98 -19.51 -2.86 12.70
N VAL A 99 -19.51 -3.98 11.96
CA VAL A 99 -20.40 -4.24 10.79
C VAL A 99 -21.83 -3.79 11.19
N GLY A 100 -22.43 -2.93 10.37
CA GLY A 100 -23.84 -2.54 10.51
C GLY A 100 -24.76 -3.72 10.26
N PHE A 101 -25.54 -4.12 11.26
CA PHE A 101 -26.62 -5.13 11.17
C PHE A 101 -27.91 -4.39 10.78
N HIS A 102 -28.41 -4.63 9.57
CA HIS A 102 -29.56 -3.89 9.00
CA HIS A 102 -29.56 -3.89 8.99
C HIS A 102 -30.82 -4.77 8.98
N GLY A 103 -30.81 -5.86 9.74
CA GLY A 103 -31.99 -6.73 9.97
C GLY A 103 -31.80 -8.14 9.45
N PHE A 104 -32.74 -9.03 9.78
CA PHE A 104 -32.80 -10.43 9.32
C PHE A 104 -34.26 -10.89 9.23
N PHE A 105 -34.51 -11.95 8.45
CA PHE A 105 -35.83 -12.61 8.30
C PHE A 105 -35.60 -14.02 7.72
N GLU A 106 -36.67 -14.82 7.60
CA GLU A 106 -36.58 -16.21 7.08
C GLU A 106 -37.85 -16.58 6.30
N ASP A 107 -37.71 -17.55 5.40
CA ASP A 107 -38.82 -18.33 4.77
C ASP A 107 -38.68 -19.77 5.27
N ASN A 108 -39.36 -20.72 4.63
CA ASN A 108 -39.41 -22.15 5.06
C ASN A 108 -38.05 -22.83 4.82
N ASP A 109 -37.23 -22.29 3.91
CA ASP A 109 -36.04 -22.97 3.34
C ASP A 109 -34.74 -22.33 3.84
N PHE A 110 -34.70 -21.01 4.01
CA PHE A 110 -33.47 -20.23 4.29
C PHE A 110 -33.69 -19.24 5.43
N VAL A 111 -32.58 -18.80 6.05
CA VAL A 111 -32.50 -17.62 6.96
C VAL A 111 -31.64 -16.54 6.26
N PHE A 112 -32.21 -15.35 6.08
CA PHE A 112 -31.59 -14.21 5.34
C PHE A 112 -31.11 -13.17 6.35
N VAL A 113 -29.81 -12.86 6.33
CA VAL A 113 -29.16 -11.87 7.25
C VAL A 113 -28.61 -10.71 6.41
N VAL A 114 -29.10 -9.50 6.64
CA VAL A 114 -28.79 -8.27 5.86
C VAL A 114 -27.80 -7.42 6.66
N LEU A 115 -26.58 -7.27 6.13
CA LEU A 115 -25.43 -6.60 6.79
C LEU A 115 -24.90 -5.49 5.88
N GLU A 116 -24.15 -4.56 6.48
CA GLU A 116 -23.40 -3.49 5.77
C GLU A 116 -22.49 -4.14 4.71
N LEU A 117 -22.52 -3.62 3.48
CA LEU A 117 -21.60 -4.05 2.39
C LEU A 117 -20.27 -3.31 2.59
N CYS A 118 -19.18 -4.06 2.78
CA CYS A 118 -17.80 -3.54 2.91
C CYS A 118 -17.07 -3.81 1.58
N ARG A 119 -16.94 -2.77 0.75
CA ARG A 119 -16.64 -2.88 -0.72
C ARG A 119 -15.19 -3.26 -0.98
N ARG A 120 -14.31 -3.22 0.04
CA ARG A 120 -12.88 -3.62 -0.10
C ARG A 120 -12.62 -4.89 0.73
N ARG A 121 -13.67 -5.71 0.90
CA ARG A 121 -13.59 -7.09 1.44
C ARG A 121 -12.96 -7.04 2.85
N SER A 122 -11.87 -7.77 3.08
CA SER A 122 -11.29 -8.00 4.44
C SER A 122 -9.76 -7.89 4.41
N LEU A 123 -9.14 -7.84 5.59
CA LEU A 123 -7.67 -7.79 5.79
C LEU A 123 -7.01 -9.08 5.29
N LEU A 124 -7.76 -10.18 5.16
CA LEU A 124 -7.23 -11.46 4.61
C LEU A 124 -6.75 -11.24 3.17
N GLU A 125 -7.53 -10.51 2.37
CA GLU A 125 -7.25 -10.22 0.94
C GLU A 125 -6.02 -9.30 0.88
N LEU A 126 -5.99 -8.28 1.73
CA LEU A 126 -4.84 -7.35 1.85
C LEU A 126 -3.59 -8.18 2.17
N HIS A 127 -3.58 -8.86 3.30
CA HIS A 127 -2.46 -9.71 3.80
C HIS A 127 -1.97 -10.63 2.67
N LYS A 128 -2.90 -11.29 1.97
CA LYS A 128 -2.58 -12.26 0.89
C LYS A 128 -1.86 -11.54 -0.26
N ARG A 129 -2.22 -10.29 -0.56
CA ARG A 129 -1.62 -9.49 -1.66
C ARG A 129 -0.31 -8.88 -1.20
N ARG A 130 -0.29 -8.24 -0.02
CA ARG A 130 0.80 -7.33 0.44
C ARG A 130 1.78 -8.07 1.34
N LYS A 131 1.40 -9.23 1.90
CA LYS A 131 2.19 -9.92 2.94
C LYS A 131 2.38 -8.94 4.11
N ALA A 132 3.62 -8.75 4.59
CA ALA A 132 3.94 -7.77 5.64
C ALA A 132 3.53 -6.37 5.17
N LEU A 133 2.95 -5.58 6.07
CA LEU A 133 2.63 -4.15 5.84
C LEU A 133 3.72 -3.28 6.48
N THR A 134 3.78 -2.00 6.12
CA THR A 134 4.59 -0.97 6.81
C THR A 134 4.07 -0.84 8.25
N GLU A 135 4.87 -0.31 9.16
CA GLU A 135 4.50 -0.21 10.60
C GLU A 135 3.33 0.76 10.77
N PRO A 136 3.29 1.92 10.05
CA PRO A 136 2.14 2.82 10.11
C PRO A 136 0.82 2.21 9.60
N GLU A 137 0.87 1.43 8.52
CA GLU A 137 -0.30 0.68 7.99
C GLU A 137 -0.80 -0.27 9.08
N ALA A 138 0.09 -1.09 9.62
CA ALA A 138 -0.19 -2.02 10.75
C ALA A 138 -0.92 -1.23 11.84
N ARG A 139 -0.31 -0.15 12.31
CA ARG A 139 -0.84 0.77 13.36
C ARG A 139 -2.21 1.32 12.94
N TYR A 140 -2.34 1.80 11.69
CA TYR A 140 -3.59 2.38 11.14
C TYR A 140 -4.77 1.45 11.45
N TYR A 141 -4.70 0.23 10.93
CA TYR A 141 -5.78 -0.79 11.03
C TYR A 141 -5.97 -1.21 12.49
N LEU A 142 -4.86 -1.42 13.21
CA LEU A 142 -4.86 -2.00 14.59
C LEU A 142 -5.62 -1.08 15.56
N ARG A 143 -5.41 0.24 15.49
CA ARG A 143 -6.15 1.21 16.35
CA ARG A 143 -6.15 1.21 16.35
C ARG A 143 -7.65 1.00 16.15
N GLN A 144 -8.11 0.96 14.89
CA GLN A 144 -9.53 0.81 14.53
C GLN A 144 -10.09 -0.52 15.06
N ILE A 145 -9.30 -1.59 14.96
CA ILE A 145 -9.69 -2.95 15.47
C ILE A 145 -9.91 -2.85 16.98
N VAL A 146 -8.90 -2.35 17.70
CA VAL A 146 -8.89 -2.20 19.19
C VAL A 146 -10.10 -1.36 19.60
N LEU A 147 -10.37 -0.26 18.88
CA LEU A 147 -11.52 0.66 19.12
C LEU A 147 -12.85 -0.12 19.00
N GLY A 148 -13.04 -0.82 17.88
CA GLY A 148 -14.20 -1.71 17.68
C GLY A 148 -14.34 -2.67 18.84
N CYS A 149 -13.24 -3.33 19.23
CA CYS A 149 -13.18 -4.40 20.26
C CYS A 149 -13.43 -3.80 21.67
N GLN A 150 -12.95 -2.58 21.92
CA GLN A 150 -13.14 -1.85 23.21
C GLN A 150 -14.65 -1.57 23.40
N TYR A 151 -15.36 -1.24 22.32
CA TYR A 151 -16.83 -1.04 22.31
C TYR A 151 -17.54 -2.33 22.72
N LEU A 152 -17.17 -3.45 22.10
CA LEU A 152 -17.75 -4.80 22.38
C LEU A 152 -17.52 -5.12 23.85
N HIS A 153 -16.27 -5.12 24.30
CA HIS A 153 -15.85 -5.41 25.70
C HIS A 153 -16.66 -4.56 26.67
N ARG A 154 -16.78 -3.25 26.41
CA ARG A 154 -17.59 -2.30 27.21
C ARG A 154 -19.05 -2.79 27.29
N ASN A 155 -19.54 -3.45 26.24
CA ASN A 155 -20.92 -3.99 26.16
C ASN A 155 -20.91 -5.49 26.50
N ARG A 156 -19.93 -5.92 27.31
CA ARG A 156 -19.82 -7.29 27.89
C ARG A 156 -19.96 -8.35 26.79
N VAL A 157 -19.32 -8.14 25.64
CA VAL A 157 -19.28 -9.11 24.49
C VAL A 157 -17.83 -9.50 24.23
N ILE A 158 -17.55 -10.80 24.21
CA ILE A 158 -16.26 -11.40 23.74
C ILE A 158 -16.52 -11.97 22.35
N HIS A 159 -15.73 -11.54 21.35
CA HIS A 159 -15.85 -11.97 19.93
C HIS A 159 -15.37 -13.41 19.79
N ARG A 160 -14.20 -13.73 20.36
CA ARG A 160 -13.64 -15.10 20.52
C ARG A 160 -13.14 -15.65 19.16
N ASP A 161 -13.19 -14.87 18.08
CA ASP A 161 -12.77 -15.34 16.73
C ASP A 161 -12.43 -14.16 15.82
N LEU A 162 -11.65 -13.19 16.33
CA LEU A 162 -11.09 -12.07 15.52
C LEU A 162 -10.00 -12.64 14.60
N LYS A 163 -10.13 -12.42 13.30
CA LYS A 163 -9.16 -12.86 12.26
C LYS A 163 -9.24 -11.90 11.07
N LEU A 164 -8.24 -11.96 10.18
CA LEU A 164 -8.14 -11.07 9.00
C LEU A 164 -9.45 -11.17 8.20
N GLY A 165 -9.99 -12.39 8.08
CA GLY A 165 -11.16 -12.73 7.24
C GLY A 165 -12.44 -12.02 7.68
N ASN A 166 -12.58 -11.68 8.97
CA ASN A 166 -13.82 -11.08 9.52
C ASN A 166 -13.55 -9.65 10.02
N LEU A 167 -12.39 -9.09 9.69
CA LEU A 167 -12.09 -7.64 9.85
C LEU A 167 -12.23 -6.97 8.48
N PHE A 168 -13.44 -6.49 8.16
CA PHE A 168 -13.84 -6.03 6.81
C PHE A 168 -13.36 -4.58 6.60
N LEU A 169 -13.22 -4.17 5.34
CA LEU A 169 -12.78 -2.81 4.94
C LEU A 169 -13.86 -2.17 4.06
N ASN A 170 -14.45 -1.05 4.50
CA ASN A 170 -15.40 -0.25 3.69
C ASN A 170 -14.62 0.50 2.61
N GLU A 171 -15.32 1.25 1.77
CA GLU A 171 -14.76 2.01 0.61
C GLU A 171 -13.55 2.83 1.07
N ASP A 172 -13.66 3.50 2.22
CA ASP A 172 -12.66 4.46 2.75
C ASP A 172 -11.60 3.75 3.61
N LEU A 173 -11.54 2.40 3.55
CA LEU A 173 -10.60 1.56 4.32
C LEU A 173 -10.78 1.79 5.83
N GLU A 174 -12.03 1.94 6.28
CA GLU A 174 -12.38 1.85 7.72
C GLU A 174 -12.61 0.37 8.04
N VAL A 175 -12.01 -0.11 9.14
CA VAL A 175 -12.12 -1.52 9.61
C VAL A 175 -13.47 -1.68 10.32
N LYS A 176 -14.23 -2.70 9.93
CA LYS A 176 -15.53 -3.08 10.54
C LYS A 176 -15.44 -4.53 11.01
N ILE A 177 -15.51 -4.76 12.33
CA ILE A 177 -15.54 -6.12 12.93
C ILE A 177 -16.89 -6.75 12.59
N GLY A 178 -16.87 -7.93 11.96
CA GLY A 178 -18.04 -8.78 11.70
C GLY A 178 -17.83 -10.21 12.16
N ASP A 179 -18.74 -11.11 11.78
CA ASP A 179 -18.70 -12.57 12.06
C ASP A 179 -18.74 -12.83 13.57
N PHE A 180 -19.93 -12.81 14.18
CA PHE A 180 -20.12 -13.01 15.64
C PHE A 180 -20.57 -14.45 15.92
N GLY A 181 -20.13 -15.40 15.09
CA GLY A 181 -20.54 -16.82 15.16
C GLY A 181 -20.17 -17.46 16.48
N LEU A 182 -18.95 -17.18 16.97
CA LEU A 182 -18.40 -17.77 18.22
C LEU A 182 -18.50 -16.78 19.37
N ALA A 183 -19.09 -15.60 19.16
CA ALA A 183 -19.21 -14.51 20.16
C ALA A 183 -20.13 -14.96 21.30
N THR A 184 -19.89 -14.46 22.52
CA THR A 184 -20.72 -14.73 23.73
C THR A 184 -20.96 -13.42 24.50
N LYS A 185 -22.04 -13.40 25.28
CA LYS A 185 -22.44 -12.28 26.18
C LYS A 185 -22.11 -12.67 27.62
N VAL A 186 -21.26 -11.87 28.29
CA VAL A 186 -20.87 -12.04 29.72
C VAL A 186 -22.03 -11.53 30.58
N GLU A 187 -22.59 -12.39 31.43
CA GLU A 187 -23.82 -12.13 32.22
C GLU A 187 -23.50 -11.26 33.45
N TYR A 188 -22.32 -11.45 34.04
CA TYR A 188 -21.78 -10.63 35.17
C TYR A 188 -20.27 -10.43 35.00
N ASP A 189 -19.73 -9.38 35.61
CA ASP A 189 -18.28 -9.04 35.53
C ASP A 189 -17.48 -10.05 36.37
N GLY A 190 -16.54 -10.73 35.72
CA GLY A 190 -15.68 -11.77 36.33
C GLY A 190 -15.98 -13.16 35.79
N GLU A 191 -17.11 -13.31 35.09
CA GLU A 191 -17.61 -14.62 34.57
C GLU A 191 -16.58 -15.17 33.57
N ARG A 192 -16.27 -16.47 33.67
CA ARG A 192 -15.38 -17.18 32.71
CA ARG A 192 -15.38 -17.18 32.71
C ARG A 192 -16.21 -18.24 31.98
N LYS A 193 -15.95 -18.43 30.68
CA LYS A 193 -16.70 -19.34 29.77
C LYS A 193 -15.82 -20.55 29.40
N LYS A 194 -16.45 -21.66 29.01
CA LYS A 194 -15.78 -22.95 28.66
C LYS A 194 -16.16 -23.35 27.23
N THR A 195 -17.47 -23.53 26.98
CA THR A 195 -18.03 -24.17 25.77
C THR A 195 -17.94 -23.20 24.59
N LEU A 196 -17.52 -23.72 23.43
CA LEU A 196 -17.48 -23.00 22.13
C LEU A 196 -18.17 -23.88 21.09
N CYS A 197 -19.20 -23.38 20.41
CA CYS A 197 -19.90 -24.10 19.32
C CYS A 197 -19.16 -23.83 18.00
N GLY A 198 -17.83 -23.95 18.01
CA GLY A 198 -16.94 -23.79 16.84
C GLY A 198 -15.49 -23.54 17.25
N THR A 199 -14.54 -23.70 16.32
CA THR A 199 -13.08 -23.63 16.57
C THR A 199 -12.53 -22.29 16.08
N PRO A 200 -12.17 -21.36 16.98
CA PRO A 200 -11.56 -20.09 16.56
C PRO A 200 -10.33 -20.30 15.66
N ASN A 201 -10.10 -19.35 14.75
CA ASN A 201 -8.93 -19.33 13.84
C ASN A 201 -7.66 -19.31 14.69
N TYR A 202 -7.54 -18.31 15.57
CA TYR A 202 -6.42 -18.15 16.53
C TYR A 202 -6.84 -18.69 17.91
N ILE A 203 -6.43 -19.92 18.23
CA ILE A 203 -6.72 -20.57 19.54
C ILE A 203 -5.81 -19.97 20.60
N ALA A 204 -6.39 -19.33 21.61
CA ALA A 204 -5.70 -18.84 22.83
C ALA A 204 -5.32 -20.04 23.71
N PRO A 205 -4.22 -19.95 24.49
CA PRO A 205 -3.78 -21.04 25.37
C PRO A 205 -4.84 -21.55 26.36
N GLU A 206 -5.63 -20.65 26.94
CA GLU A 206 -6.65 -20.98 27.98
C GLU A 206 -7.90 -21.58 27.33
N VAL A 207 -8.07 -21.45 26.01
CA VAL A 207 -9.12 -22.18 25.23
C VAL A 207 -8.57 -23.56 24.88
N LEU A 208 -7.31 -23.63 24.45
CA LEU A 208 -6.58 -24.88 24.11
C LEU A 208 -6.65 -25.84 25.30
N SER A 209 -6.30 -25.35 26.51
CA SER A 209 -6.22 -26.14 27.78
C SER A 209 -7.61 -26.28 28.42
N ASP A 210 -8.63 -25.62 27.86
CA ASP A 210 -10.05 -25.70 28.31
C ASP A 210 -10.13 -25.23 29.76
N ALA A 211 -9.40 -24.17 30.10
CA ALA A 211 -9.20 -23.68 31.49
C ALA A 211 -10.33 -22.72 31.89
N GLY A 212 -11.25 -22.42 30.98
CA GLY A 212 -12.16 -21.26 31.08
C GLY A 212 -11.47 -20.02 30.54
N HIS A 213 -12.24 -19.06 30.01
CA HIS A 213 -11.70 -17.85 29.34
C HIS A 213 -12.68 -16.68 29.50
N SER A 214 -12.19 -15.46 29.28
CA SER A 214 -12.97 -14.20 29.29
C SER A 214 -12.49 -13.29 28.15
N PHE A 215 -12.62 -11.97 28.34
CA PHE A 215 -12.29 -10.90 27.35
C PHE A 215 -10.86 -11.05 26.85
N GLU A 216 -9.96 -11.64 27.65
CA GLU A 216 -8.50 -11.72 27.38
C GLU A 216 -8.25 -12.47 26.06
N VAL A 217 -9.14 -13.39 25.64
CA VAL A 217 -8.97 -14.15 24.36
C VAL A 217 -8.90 -13.16 23.19
N ASP A 218 -9.70 -12.10 23.21
CA ASP A 218 -9.78 -11.11 22.11
C ASP A 218 -8.44 -10.38 21.98
N VAL A 219 -7.77 -10.09 23.10
CA VAL A 219 -6.43 -9.44 23.11
C VAL A 219 -5.41 -10.38 22.47
N TRP A 220 -5.47 -11.69 22.78
CA TRP A 220 -4.56 -12.72 22.22
C TRP A 220 -4.61 -12.69 20.68
N SER A 221 -5.82 -12.69 20.11
CA SER A 221 -6.05 -12.75 18.64
C SER A 221 -5.51 -11.46 17.99
N ILE A 222 -5.73 -10.31 18.63
CA ILE A 222 -5.22 -8.98 18.18
C ILE A 222 -3.68 -9.02 18.16
N GLY A 223 -3.08 -9.68 19.16
CA GLY A 223 -1.63 -9.97 19.21
C GLY A 223 -1.19 -10.82 18.03
N CYS A 224 -1.93 -11.90 17.75
CA CYS A 224 -1.71 -12.80 16.59
C CYS A 224 -1.90 -12.01 15.30
N ILE A 225 -2.94 -11.17 15.25
CA ILE A 225 -3.28 -10.34 14.06
C ILE A 225 -2.18 -9.29 13.86
N MET A 226 -1.78 -8.61 14.94
CA MET A 226 -0.70 -7.58 14.93
C MET A 226 0.56 -8.21 14.33
N TYR A 227 0.96 -9.37 14.84
CA TYR A 227 2.17 -10.11 14.40
C TYR A 227 2.11 -10.31 12.88
N THR A 228 1.02 -10.91 12.40
CA THR A 228 0.81 -11.28 10.97
C THR A 228 0.94 -10.03 10.10
N LEU A 229 0.33 -8.91 10.52
CA LEU A 229 0.31 -7.65 9.73
C LEU A 229 1.75 -7.12 9.57
N LEU A 230 2.59 -7.27 10.60
CA LEU A 230 3.96 -6.69 10.65
C LEU A 230 4.98 -7.65 10.04
N VAL A 231 4.77 -8.96 10.20
CA VAL A 231 5.76 -10.04 9.86
C VAL A 231 5.39 -10.68 8.51
N GLY A 232 4.10 -10.67 8.16
CA GLY A 232 3.58 -11.20 6.87
C GLY A 232 3.40 -12.70 6.91
N LYS A 233 3.32 -13.27 8.12
CA LYS A 233 3.15 -14.72 8.41
C LYS A 233 2.54 -14.84 9.80
N PRO A 234 1.73 -15.89 10.10
CA PRO A 234 1.18 -16.07 11.45
C PRO A 234 2.26 -16.40 12.48
N PRO A 235 2.04 -16.10 13.77
CA PRO A 235 3.07 -16.31 14.80
C PRO A 235 3.35 -17.80 15.09
N PHE A 236 2.30 -18.62 15.17
CA PHE A 236 2.33 -20.03 15.66
C PHE A 236 2.05 -21.03 14.53
N GLU A 237 1.20 -20.69 13.56
CA GLU A 237 0.75 -21.63 12.50
C GLU A 237 1.96 -22.28 11.82
N THR A 238 1.86 -23.59 11.57
CA THR A 238 2.89 -24.44 10.90
C THR A 238 2.20 -25.37 9.90
N SER A 239 2.94 -26.27 9.26
CA SER A 239 2.43 -27.27 8.28
C SER A 239 1.26 -28.06 8.88
N CYS A 240 1.52 -28.80 9.97
N CYS A 240 1.52 -28.80 9.97
CA CYS A 240 0.55 -29.67 10.67
CA CYS A 240 0.55 -29.67 10.68
C CYS A 240 0.06 -28.98 11.96
C CYS A 240 0.06 -28.98 11.96
N LEU A 241 -1.17 -29.30 12.38
CA LEU A 241 -1.84 -28.64 13.54
C LEU A 241 -1.22 -29.09 14.86
N LYS A 242 -0.70 -30.32 14.94
CA LYS A 242 -0.17 -30.91 16.20
C LYS A 242 0.97 -30.03 16.75
N GLU A 243 1.87 -29.60 15.86
CA GLU A 243 3.03 -28.72 16.20
C GLU A 243 2.51 -27.31 16.50
N THR A 244 1.53 -26.83 15.74
CA THR A 244 0.92 -25.48 15.88
C THR A 244 0.40 -25.29 17.31
N TYR A 245 -0.34 -26.27 17.82
CA TYR A 245 -1.01 -26.24 19.14
C TYR A 245 0.01 -26.42 20.27
N LEU A 246 1.05 -27.22 20.03
CA LEU A 246 2.17 -27.42 20.98
CA LEU A 246 2.16 -27.42 21.00
C LEU A 246 2.92 -26.10 21.18
N ARG A 247 3.11 -25.35 20.10
CA ARG A 247 3.78 -24.02 20.11
C ARG A 247 2.96 -23.02 20.94
N ILE A 248 1.63 -23.02 20.77
CA ILE A 248 0.69 -22.15 21.53
C ILE A 248 0.76 -22.52 23.02
N LYS A 249 0.78 -23.82 23.34
CA LYS A 249 0.81 -24.36 24.73
C LYS A 249 2.08 -23.88 25.45
N LYS A 250 3.24 -23.88 24.78
CA LYS A 250 4.56 -23.53 25.36
C LYS A 250 4.91 -22.05 25.08
N ASN A 251 4.05 -21.33 24.34
CA ASN A 251 4.24 -19.90 23.98
C ASN A 251 5.49 -19.77 23.09
N GLU A 252 5.68 -20.70 22.15
CA GLU A 252 6.85 -20.74 21.23
C GLU A 252 6.53 -19.92 19.97
N TYR A 253 7.14 -18.74 19.87
CA TYR A 253 7.15 -17.89 18.65
C TYR A 253 8.41 -17.02 18.68
N SER A 254 8.84 -16.56 17.51
CA SER A 254 10.08 -15.77 17.30
C SER A 254 9.71 -14.49 16.54
N ILE A 255 10.06 -13.33 17.08
CA ILE A 255 9.85 -12.00 16.42
C ILE A 255 11.10 -11.64 15.64
N PRO A 256 11.01 -11.48 14.29
CA PRO A 256 12.19 -11.14 13.49
C PRO A 256 12.95 -9.92 14.03
N LYS A 257 14.28 -9.92 13.91
CA LYS A 257 15.16 -8.84 14.42
C LYS A 257 14.81 -7.50 13.76
N HIS A 258 14.10 -7.53 12.62
CA HIS A 258 13.81 -6.34 11.76
C HIS A 258 12.60 -5.55 12.30
N ILE A 259 11.76 -6.16 13.14
CA ILE A 259 10.56 -5.50 13.74
C ILE A 259 11.05 -4.42 14.71
N ASN A 260 10.34 -3.29 14.78
CA ASN A 260 10.69 -2.15 15.67
CA ASN A 260 10.69 -2.14 15.66
C ASN A 260 10.50 -2.58 17.12
N PRO A 261 11.42 -2.21 18.05
CA PRO A 261 11.32 -2.62 19.45
C PRO A 261 9.92 -2.42 20.06
N VAL A 262 9.40 -1.19 20.04
CA VAL A 262 8.14 -0.79 20.72
C VAL A 262 7.01 -1.77 20.32
N ALA A 263 6.88 -2.02 19.01
CA ALA A 263 5.86 -2.92 18.41
C ALA A 263 6.08 -4.36 18.89
N ALA A 264 7.31 -4.86 18.78
CA ALA A 264 7.73 -6.21 19.24
C ALA A 264 7.42 -6.38 20.73
N SER A 265 7.62 -5.32 21.51
CA SER A 265 7.32 -5.30 22.97
C SER A 265 5.82 -5.53 23.20
N LEU A 266 4.98 -4.78 22.46
CA LEU A 266 3.50 -4.83 22.57
C LEU A 266 2.97 -6.20 22.15
N ILE A 267 3.62 -6.83 21.16
CA ILE A 267 3.28 -8.22 20.72
C ILE A 267 3.54 -9.18 21.88
N GLN A 268 4.73 -9.09 22.49
CA GLN A 268 5.17 -9.94 23.63
C GLN A 268 4.19 -9.78 24.79
N LYS A 269 3.76 -8.54 25.08
CA LYS A 269 2.77 -8.22 26.15
C LYS A 269 1.46 -8.97 25.89
N MET A 270 0.95 -8.94 24.65
CA MET A 270 -0.35 -9.55 24.25
C MET A 270 -0.26 -11.08 24.23
N LEU A 271 0.80 -11.63 23.65
CA LEU A 271 0.92 -13.09 23.39
C LEU A 271 1.62 -13.76 24.59
N GLN A 272 0.96 -13.74 25.75
CA GLN A 272 1.44 -14.39 27.00
C GLN A 272 0.47 -15.51 27.38
N THR A 273 0.99 -16.63 27.90
CA THR A 273 0.22 -17.82 28.33
C THR A 273 -0.79 -17.40 29.41
N ASP A 274 -0.36 -16.56 30.36
CA ASP A 274 -1.22 -16.03 31.46
C ASP A 274 -2.15 -14.96 30.89
N PRO A 275 -3.48 -15.20 30.87
CA PRO A 275 -4.43 -14.17 30.44
C PRO A 275 -4.34 -12.88 31.26
N THR A 276 -4.16 -12.99 32.57
CA THR A 276 -4.14 -11.85 33.53
C THR A 276 -2.91 -10.97 33.26
N ALA A 277 -1.84 -11.55 32.73
CA ALA A 277 -0.57 -10.87 32.38
C ALA A 277 -0.75 -9.95 31.17
N ARG A 278 -1.69 -10.26 30.28
CA ARG A 278 -1.91 -9.49 29.02
C ARG A 278 -2.51 -8.13 29.34
N PRO A 279 -2.32 -7.13 28.45
CA PRO A 279 -3.04 -5.86 28.56
C PRO A 279 -4.56 -6.11 28.48
N THR A 280 -5.34 -5.22 29.08
CA THR A 280 -6.80 -5.07 28.79
C THR A 280 -6.92 -4.27 27.49
N ILE A 281 -8.04 -4.41 26.78
CA ILE A 281 -8.33 -3.67 25.52
C ILE A 281 -8.14 -2.16 25.76
N ASN A 282 -8.38 -1.70 27.00
CA ASN A 282 -8.31 -0.26 27.40
C ASN A 282 -6.84 0.14 27.56
N GLU A 283 -6.01 -0.74 28.16
CA GLU A 283 -4.55 -0.53 28.35
C GLU A 283 -3.84 -0.63 27.00
N LEU A 284 -4.23 -1.61 26.19
CA LEU A 284 -3.70 -1.88 24.82
C LEU A 284 -3.68 -0.58 24.01
N LEU A 285 -4.83 0.10 23.91
CA LEU A 285 -5.03 1.31 23.07
C LEU A 285 -4.06 2.42 23.49
N ASN A 286 -3.62 2.43 24.75
CA ASN A 286 -2.75 3.49 25.32
C ASN A 286 -1.28 3.03 25.31
N ASP A 287 -0.89 2.16 24.37
CA ASP A 287 0.51 1.66 24.28
C ASP A 287 1.36 2.67 23.51
N GLU A 288 2.65 2.76 23.85
CA GLU A 288 3.65 3.64 23.19
C GLU A 288 3.57 3.43 21.67
N PHE A 289 3.31 2.18 21.25
CA PHE A 289 3.11 1.82 19.81
C PHE A 289 2.11 2.77 19.17
N PHE A 290 0.99 3.02 19.86
CA PHE A 290 -0.14 3.86 19.36
C PHE A 290 0.12 5.34 19.68
N THR A 291 0.54 5.66 20.91
CA THR A 291 0.61 7.05 21.43
C THR A 291 1.80 7.80 20.80
N SER A 292 2.96 7.14 20.69
CA SER A 292 4.24 7.75 20.23
C SER A 292 4.50 7.48 18.75
N GLY A 293 3.85 6.46 18.16
CA GLY A 293 4.01 6.09 16.75
C GLY A 293 3.15 6.95 15.83
N TYR A 294 3.52 7.04 14.54
CA TYR A 294 2.78 7.80 13.51
C TYR A 294 1.58 7.00 13.02
N ILE A 295 0.38 7.56 13.19
CA ILE A 295 -0.89 7.02 12.64
C ILE A 295 -1.32 7.91 11.47
N PRO A 296 -1.36 7.38 10.22
CA PRO A 296 -2.05 8.07 9.13
C PRO A 296 -3.54 8.26 9.44
N ALA A 297 -4.08 9.43 9.09
CA ALA A 297 -5.51 9.79 9.22
C ALA A 297 -6.32 9.06 8.14
N ARG A 298 -5.74 8.91 6.95
CA ARG A 298 -6.32 8.18 5.79
C ARG A 298 -5.19 7.44 5.06
N LEU A 299 -5.51 6.28 4.49
CA LEU A 299 -4.60 5.52 3.56
C LEU A 299 -5.09 5.73 2.13
N PRO A 300 -4.18 5.81 1.13
CA PRO A 300 -4.59 5.75 -0.27
C PRO A 300 -5.04 4.33 -0.64
N ILE A 301 -5.91 4.21 -1.65
CA ILE A 301 -6.54 2.93 -2.08
C ILE A 301 -5.48 2.04 -2.72
N THR A 302 -4.32 2.60 -3.11
CA THR A 302 -3.18 1.84 -3.71
C THR A 302 -2.55 0.94 -2.64
N CYS A 303 -2.79 1.23 -1.36
CA CYS A 303 -2.21 0.50 -0.20
CA CYS A 303 -2.21 0.50 -0.20
C CYS A 303 -2.66 -0.97 -0.21
N LEU A 304 -3.77 -1.27 -0.90
CA LEU A 304 -4.30 -2.65 -1.02
C LEU A 304 -3.38 -3.52 -1.90
N THR A 305 -2.57 -2.90 -2.76
CA THR A 305 -1.73 -3.60 -3.78
C THR A 305 -0.24 -3.20 -3.67
N ILE A 306 0.10 -1.96 -3.31
CA ILE A 306 1.50 -1.48 -3.29
C ILE A 306 1.79 -0.75 -1.98
N PRO A 307 2.97 -0.97 -1.35
CA PRO A 307 3.33 -0.28 -0.12
C PRO A 307 3.52 1.22 -0.32
N PRO A 308 2.91 2.06 0.53
CA PRO A 308 3.11 3.52 0.47
C PRO A 308 4.41 3.95 1.17
N ARG A 309 4.94 5.12 0.79
CA ARG A 309 6.16 5.73 1.36
C ARG A 309 5.74 6.78 2.40
N PHE A 310 6.31 6.72 3.60
CA PHE A 310 6.07 7.70 4.70
C PHE A 310 7.41 8.30 5.14
N SER A 311 7.43 9.62 5.34
CA SER A 311 8.57 10.37 5.95
C SER A 311 8.85 9.80 7.35
N ILE A 312 10.14 9.58 7.68
CA ILE A 312 10.59 9.21 9.05
C ILE A 312 10.36 10.40 9.99
N ALA A 313 10.23 11.60 9.43
CA ALA A 313 9.83 12.85 10.12
C ALA A 313 8.46 13.32 9.62
N PRO A 314 7.37 12.58 9.94
CA PRO A 314 6.03 12.99 9.53
C PRO A 314 5.37 13.93 10.56
N SER A 315 5.75 15.21 10.53
CA SER A 315 5.16 16.27 11.39
CA SER A 315 5.16 16.28 11.39
C SER A 315 3.80 16.70 10.82
N SER A 316 2.91 17.17 11.68
CA SER A 316 1.55 17.68 11.33
C SER A 316 1.60 19.19 11.11
N LEU A 317 2.79 19.76 10.87
CA LEU A 317 3.01 21.23 10.69
C LEU A 317 3.53 21.52 9.28
N ASP A 318 2.95 20.88 8.26
CA ASP A 318 3.28 21.08 6.82
C ASP A 318 2.28 20.31 5.95
N PRO A 319 2.03 20.75 4.69
CA PRO A 319 1.07 20.07 3.81
C PRO A 319 1.60 18.75 3.23
N GLU B 24 25.38 8.56 13.46
CA GLU B 24 26.28 9.63 12.92
C GLU B 24 26.90 9.15 11.61
N ILE B 25 27.08 10.07 10.66
CA ILE B 25 27.63 9.79 9.30
C ILE B 25 29.09 10.20 9.28
N PRO B 26 30.03 9.32 8.86
CA PRO B 26 31.46 9.67 8.76
C PRO B 26 31.72 10.88 7.85
N GLU B 27 32.68 11.73 8.24
CA GLU B 27 33.11 12.93 7.49
CA GLU B 27 33.12 12.93 7.48
C GLU B 27 33.79 12.50 6.18
N VAL B 28 34.54 11.39 6.22
CA VAL B 28 35.28 10.81 5.06
C VAL B 28 34.80 9.36 4.86
N LEU B 29 34.33 9.05 3.65
CA LEU B 29 33.74 7.73 3.27
C LEU B 29 34.83 6.86 2.63
N VAL B 30 35.15 5.71 3.23
CA VAL B 30 36.27 4.81 2.82
C VAL B 30 35.70 3.54 2.19
N ASP B 31 36.32 3.06 1.11
CA ASP B 31 35.91 1.85 0.33
C ASP B 31 36.96 0.75 0.52
N PRO B 32 36.71 -0.27 1.39
CA PRO B 32 37.64 -1.37 1.59
C PRO B 32 38.08 -2.09 0.31
N ARG B 33 37.21 -2.13 -0.72
CA ARG B 33 37.42 -2.87 -1.99
C ARG B 33 38.54 -2.22 -2.81
N SER B 34 38.29 -1.01 -3.31
CA SER B 34 39.15 -0.31 -4.32
C SER B 34 40.12 0.68 -3.65
N ARG B 35 40.13 0.74 -2.32
CA ARG B 35 41.02 1.60 -1.49
C ARG B 35 40.82 3.08 -1.85
N ARG B 36 39.74 3.43 -2.56
CA ARG B 36 39.38 4.83 -2.91
C ARG B 36 38.56 5.41 -1.74
N ARG B 37 38.78 6.68 -1.38
CA ARG B 37 38.13 7.35 -0.23
C ARG B 37 37.63 8.73 -0.64
N TYR B 38 36.47 9.14 -0.11
CA TYR B 38 35.74 10.39 -0.44
C TYR B 38 35.59 11.26 0.81
N VAL B 39 35.24 12.53 0.63
CA VAL B 39 35.03 13.53 1.71
C VAL B 39 33.63 14.12 1.54
N ARG B 40 32.76 13.96 2.55
CA ARG B 40 31.39 14.54 2.55
C ARG B 40 31.49 16.04 2.25
N GLY B 41 30.68 16.53 1.32
CA GLY B 41 30.55 17.97 0.97
C GLY B 41 29.26 18.54 1.53
N ARG B 42 28.67 19.50 0.82
CA ARG B 42 27.38 20.15 1.22
C ARG B 42 26.27 19.09 1.22
N PHE B 43 25.30 19.24 2.14
CA PHE B 43 24.07 18.42 2.21
C PHE B 43 23.17 18.81 1.03
N LEU B 44 22.81 17.83 0.19
CA LEU B 44 21.96 18.00 -1.01
C LEU B 44 20.49 17.85 -0.62
N GLY B 45 20.19 16.91 0.27
CA GLY B 45 18.83 16.62 0.77
C GLY B 45 18.60 15.12 0.97
N LYS B 46 17.42 14.76 1.46
CA LYS B 46 17.02 13.35 1.70
C LYS B 46 16.39 12.80 0.41
N GLY B 47 17.06 11.85 -0.24
CA GLY B 47 16.53 11.09 -1.39
C GLY B 47 15.64 9.95 -0.91
N GLY B 48 14.45 10.28 -0.39
CA GLY B 48 13.52 9.32 0.23
C GLY B 48 14.10 8.76 1.53
N PHE B 49 14.56 7.50 1.49
CA PHE B 49 15.13 6.77 2.66
C PHE B 49 16.60 7.16 2.86
N ALA B 50 17.21 7.85 1.88
CA ALA B 50 18.65 8.15 1.81
C ALA B 50 18.95 9.54 2.40
N LYS B 51 20.24 9.80 2.66
CA LYS B 51 20.81 11.10 3.09
C LYS B 51 21.92 11.46 2.10
N CYS B 52 21.71 12.46 1.25
CA CYS B 52 22.54 12.74 0.04
C CYS B 52 23.38 14.00 0.23
N PHE B 53 24.65 13.95 -0.20
CA PHE B 53 25.65 15.05 -0.11
C PHE B 53 26.46 15.13 -1.41
N GLU B 54 27.10 16.27 -1.67
CA GLU B 54 28.25 16.37 -2.59
C GLU B 54 29.42 15.61 -1.96
N ILE B 55 30.17 14.85 -2.76
CA ILE B 55 31.43 14.17 -2.32
C ILE B 55 32.47 14.35 -3.41
N SER B 56 33.75 14.38 -3.04
CA SER B 56 34.92 14.42 -3.96
C SER B 56 35.97 13.40 -3.51
N ASP B 57 36.52 12.64 -4.46
CA ASP B 57 37.59 11.63 -4.23
C ASP B 57 38.84 12.36 -3.71
N ALA B 58 39.55 11.76 -2.74
CA ALA B 58 40.70 12.34 -2.02
C ALA B 58 41.82 12.72 -2.99
N ASP B 59 42.08 11.86 -3.99
CA ASP B 59 43.22 12.00 -4.94
C ASP B 59 42.78 12.78 -6.18
N THR B 60 41.71 12.33 -6.84
CA THR B 60 41.24 12.84 -8.16
C THR B 60 40.61 14.23 -8.00
N LYS B 61 39.98 14.48 -6.84
CA LYS B 61 39.28 15.76 -6.50
C LYS B 61 38.01 15.91 -7.35
N GLU B 62 37.60 14.85 -8.05
CA GLU B 62 36.39 14.83 -8.93
C GLU B 62 35.15 14.80 -8.03
N VAL B 63 34.16 15.64 -8.32
CA VAL B 63 32.92 15.84 -7.49
C VAL B 63 31.82 14.90 -8.00
N PHE B 64 31.20 14.15 -7.07
CA PHE B 64 30.07 13.21 -7.33
C PHE B 64 28.92 13.55 -6.37
N ALA B 65 27.78 12.87 -6.55
CA ALA B 65 26.59 12.94 -5.68
C ALA B 65 26.49 11.64 -4.87
N GLY B 66 26.84 11.70 -3.58
CA GLY B 66 26.75 10.56 -2.65
C GLY B 66 25.31 10.31 -2.20
N LYS B 67 24.91 9.04 -2.14
CA LYS B 67 23.60 8.60 -1.59
C LYS B 67 23.89 7.60 -0.46
N ILE B 68 23.70 8.04 0.80
CA ILE B 68 24.12 7.31 2.02
C ILE B 68 22.87 6.82 2.76
N VAL B 69 22.64 5.50 2.74
CA VAL B 69 21.44 4.84 3.33
C VAL B 69 21.86 4.21 4.67
N PRO B 70 21.19 4.54 5.80
CA PRO B 70 21.35 3.79 7.04
C PRO B 70 21.03 2.30 6.82
N LYS B 71 21.97 1.42 7.16
CA LYS B 71 21.81 -0.06 7.01
C LYS B 71 20.75 -0.55 8.00
N SER B 72 20.50 0.22 9.07
CA SER B 72 19.44 -0.02 10.09
C SER B 72 18.06 0.01 9.45
N LEU B 73 17.88 0.82 8.40
CA LEU B 73 16.62 0.93 7.62
C LEU B 73 16.58 -0.18 6.55
N LEU B 74 17.75 -0.66 6.11
CA LEU B 74 17.90 -1.81 5.16
C LEU B 74 17.94 -3.14 5.94
N LEU B 75 17.28 -3.20 7.09
CA LEU B 75 17.18 -4.41 7.96
C LEU B 75 15.94 -5.22 7.56
N LYS B 76 14.82 -4.52 7.30
CA LYS B 76 13.57 -5.12 6.78
C LYS B 76 13.85 -5.66 5.38
N PRO B 77 13.86 -7.00 5.17
CA PRO B 77 14.27 -7.59 3.89
C PRO B 77 13.65 -6.90 2.66
N HIS B 78 12.34 -6.65 2.71
CA HIS B 78 11.54 -5.99 1.64
C HIS B 78 12.27 -4.73 1.15
N GLN B 79 13.00 -4.05 2.04
CA GLN B 79 13.78 -2.82 1.75
C GLN B 79 15.19 -3.19 1.26
N ARG B 80 15.80 -4.23 1.85
CA ARG B 80 17.11 -4.78 1.42
C ARG B 80 17.00 -5.24 -0.04
N GLU B 81 15.87 -5.86 -0.41
CA GLU B 81 15.60 -6.36 -1.79
C GLU B 81 15.66 -5.17 -2.76
N LYS B 82 14.84 -4.15 -2.49
CA LYS B 82 14.75 -2.89 -3.31
C LYS B 82 16.15 -2.34 -3.55
N MET B 83 16.88 -2.03 -2.48
CA MET B 83 18.25 -1.45 -2.52
C MET B 83 19.14 -2.27 -3.47
N SER B 84 19.18 -3.60 -3.30
CA SER B 84 20.07 -4.51 -4.06
C SER B 84 19.75 -4.41 -5.56
N MET B 85 18.46 -4.46 -5.90
CA MET B 85 17.94 -4.43 -7.30
C MET B 85 18.23 -3.06 -7.93
N GLU B 86 18.04 -1.98 -7.16
CA GLU B 86 18.30 -0.57 -7.59
C GLU B 86 19.74 -0.48 -8.11
N ILE B 87 20.71 -0.89 -7.31
CA ILE B 87 22.18 -0.85 -7.61
C ILE B 87 22.49 -1.81 -8.77
N SER B 88 21.84 -2.98 -8.80
CA SER B 88 22.05 -4.05 -9.81
C SER B 88 21.63 -3.56 -11.20
N ILE B 89 20.47 -2.90 -11.30
CA ILE B 89 19.93 -2.38 -12.59
C ILE B 89 20.75 -1.16 -13.01
N HIS B 90 21.01 -0.24 -12.07
CA HIS B 90 21.65 1.07 -12.35
C HIS B 90 23.13 0.90 -12.73
N ARG B 91 23.84 -0.05 -12.11
CA ARG B 91 25.29 -0.27 -12.36
C ARG B 91 25.49 -0.93 -13.73
N SER B 92 24.43 -1.53 -14.30
CA SER B 92 24.45 -2.21 -15.62
C SER B 92 24.11 -1.22 -16.74
N LEU B 93 23.84 0.05 -16.41
CA LEU B 93 23.34 1.06 -17.37
C LEU B 93 24.37 2.18 -17.56
N ALA B 94 24.68 2.49 -18.82
CA ALA B 94 25.53 3.62 -19.27
C ALA B 94 24.92 4.22 -20.53
N HIS B 95 24.32 5.41 -20.38
CA HIS B 95 23.72 6.23 -21.48
C HIS B 95 23.82 7.70 -21.06
N GLN B 96 23.93 8.61 -22.03
CA GLN B 96 24.20 10.04 -21.76
C GLN B 96 22.93 10.75 -21.27
N HIS B 97 21.77 10.09 -21.32
CA HIS B 97 20.49 10.58 -20.71
C HIS B 97 20.07 9.65 -19.57
N VAL B 98 21.04 8.90 -19.01
CA VAL B 98 20.89 8.14 -17.75
C VAL B 98 21.99 8.59 -16.79
N VAL B 99 21.61 8.88 -15.53
CA VAL B 99 22.54 9.21 -14.41
C VAL B 99 23.72 8.24 -14.46
N GLY B 100 24.95 8.78 -14.51
CA GLY B 100 26.19 7.99 -14.42
C GLY B 100 26.31 7.35 -13.05
N PHE B 101 26.34 6.02 -13.01
CA PHE B 101 26.62 5.21 -11.79
C PHE B 101 28.14 4.99 -11.72
N HIS B 102 28.80 5.60 -10.74
CA HIS B 102 30.28 5.62 -10.62
C HIS B 102 30.74 4.70 -9.47
N GLY B 103 29.87 3.79 -9.02
CA GLY B 103 30.20 2.71 -8.08
C GLY B 103 29.46 2.82 -6.76
N PHE B 104 29.58 1.79 -5.92
CA PHE B 104 28.98 1.71 -4.56
C PHE B 104 29.86 0.84 -3.67
N PHE B 105 29.72 1.02 -2.35
CA PHE B 105 30.40 0.22 -1.30
C PHE B 105 29.64 0.39 0.02
N GLU B 106 30.04 -0.32 1.06
CA GLU B 106 29.38 -0.26 2.40
C GLU B 106 30.39 -0.50 3.52
N ASP B 107 30.07 0.03 4.70
CA ASP B 107 30.69 -0.32 6.01
C ASP B 107 29.62 -1.04 6.85
N ASN B 108 29.83 -1.16 8.16
CA ASN B 108 28.93 -1.93 9.07
C ASN B 108 27.61 -1.18 9.27
N ASP B 109 27.61 0.14 9.04
CA ASP B 109 26.51 1.07 9.48
C ASP B 109 25.71 1.59 8.27
N PHE B 110 26.36 1.84 7.14
CA PHE B 110 25.76 2.53 5.97
C PHE B 110 26.08 1.80 4.65
N VAL B 111 25.28 2.07 3.62
CA VAL B 111 25.56 1.73 2.19
C VAL B 111 25.73 3.04 1.42
N PHE B 112 26.89 3.21 0.75
CA PHE B 112 27.30 4.44 0.03
C PHE B 112 27.16 4.20 -1.48
N VAL B 113 26.34 5.01 -2.15
CA VAL B 113 26.09 4.94 -3.62
C VAL B 113 26.60 6.24 -4.26
N VAL B 114 27.56 6.12 -5.18
CA VAL B 114 28.29 7.25 -5.82
C VAL B 114 27.75 7.43 -7.25
N LEU B 115 27.10 8.57 -7.50
CA LEU B 115 26.39 8.89 -8.76
C LEU B 115 26.93 10.21 -9.34
N GLU B 116 26.69 10.42 -10.63
CA GLU B 116 26.96 11.70 -11.36
C GLU B 116 26.28 12.84 -10.59
N LEU B 117 27.00 13.95 -10.34
CA LEU B 117 26.40 15.18 -9.76
C LEU B 117 25.78 15.98 -10.90
N CYS B 118 24.47 16.24 -10.82
CA CYS B 118 23.68 17.05 -11.77
C CYS B 118 23.43 18.42 -11.14
N ARG B 119 24.19 19.43 -11.56
CA ARG B 119 24.42 20.71 -10.83
C ARG B 119 23.18 21.63 -10.87
N ARG B 120 22.20 21.34 -11.73
CA ARG B 120 20.94 22.12 -11.86
C ARG B 120 19.75 21.27 -11.40
N ARG B 121 20.01 20.33 -10.49
CA ARG B 121 18.98 19.56 -9.73
C ARG B 121 18.07 18.83 -10.72
N SER B 122 16.75 19.05 -10.66
CA SER B 122 15.73 18.25 -11.39
C SER B 122 14.66 19.17 -12.00
N LEU B 123 13.83 18.59 -12.89
CA LEU B 123 12.69 19.28 -13.56
C LEU B 123 11.63 19.70 -12.54
N LEU B 124 11.60 19.10 -11.34
CA LEU B 124 10.65 19.49 -10.26
C LEU B 124 10.90 20.95 -9.88
N GLU B 125 12.18 21.32 -9.74
CA GLU B 125 12.62 22.69 -9.35
C GLU B 125 12.26 23.66 -10.46
N LEU B 126 12.53 23.28 -11.71
CA LEU B 126 12.16 24.08 -12.91
C LEU B 126 10.65 24.32 -12.88
N HIS B 127 9.87 23.24 -12.94
CA HIS B 127 8.38 23.27 -12.93
C HIS B 127 7.87 24.18 -11.81
N LYS B 128 8.43 24.06 -10.60
CA LYS B 128 8.00 24.83 -9.40
C LYS B 128 8.26 26.33 -9.63
N ARG B 129 9.35 26.67 -10.32
CA ARG B 129 9.74 28.09 -10.60
C ARG B 129 8.94 28.63 -11.79
N ARG B 130 8.88 27.87 -12.89
CA ARG B 130 8.43 28.33 -14.24
C ARG B 130 6.96 27.99 -14.47
N LYS B 131 6.39 27.04 -13.72
CA LYS B 131 5.05 26.47 -13.99
C LYS B 131 5.07 25.90 -15.43
N ALA B 132 4.09 26.25 -16.25
CA ALA B 132 4.03 25.86 -17.69
C ALA B 132 5.30 26.37 -18.40
N LEU B 133 5.87 25.55 -19.28
CA LEU B 133 7.02 25.92 -20.16
C LEU B 133 6.48 26.25 -21.55
N THR B 134 7.30 26.90 -22.38
CA THR B 134 7.05 27.08 -23.83
C THR B 134 7.03 25.69 -24.48
N GLU B 135 6.42 25.57 -25.67
CA GLU B 135 6.26 24.27 -26.38
C GLU B 135 7.64 23.74 -26.80
N PRO B 136 8.58 24.58 -27.30
CA PRO B 136 9.93 24.13 -27.64
C PRO B 136 10.75 23.64 -26.43
N GLU B 137 10.64 24.32 -25.28
CA GLU B 137 11.24 23.86 -23.99
C GLU B 137 10.70 22.47 -23.65
N ALA B 138 9.37 22.34 -23.60
CA ALA B 138 8.68 21.06 -23.36
C ALA B 138 9.30 19.99 -24.27
N ARG B 139 9.31 20.26 -25.58
CA ARG B 139 9.87 19.37 -26.64
C ARG B 139 11.34 19.07 -26.35
N TYR B 140 12.15 20.10 -26.04
CA TYR B 140 13.60 19.98 -25.76
C TYR B 140 13.84 18.85 -24.75
N TYR B 141 13.25 18.97 -23.55
CA TYR B 141 13.43 18.04 -22.41
C TYR B 141 12.85 16.67 -22.78
N LEU B 142 11.65 16.66 -23.39
CA LEU B 142 10.85 15.43 -23.65
C LEU B 142 11.62 14.48 -24.59
N ARG B 143 12.24 14.99 -25.66
CA ARG B 143 13.05 14.18 -26.59
C ARG B 143 14.15 13.45 -25.81
N GLN B 144 14.88 14.18 -24.95
CA GLN B 144 15.99 13.64 -24.13
C GLN B 144 15.47 12.56 -23.18
N ILE B 145 14.30 12.78 -22.57
CA ILE B 145 13.66 11.80 -21.65
C ILE B 145 13.37 10.51 -22.44
N VAL B 146 12.65 10.65 -23.56
CA VAL B 146 12.24 9.53 -24.46
C VAL B 146 13.49 8.76 -24.90
N LEU B 147 14.55 9.47 -25.27
CA LEU B 147 15.85 8.89 -25.70
C LEU B 147 16.44 8.04 -24.57
N GLY B 148 16.58 8.62 -23.37
CA GLY B 148 17.00 7.89 -22.17
C GLY B 148 16.16 6.63 -21.98
N CYS B 149 14.83 6.78 -22.04
CA CYS B 149 13.83 5.71 -21.78
C CYS B 149 13.87 4.63 -22.88
N GLN B 150 14.13 5.03 -24.13
CA GLN B 150 14.25 4.11 -25.30
C GLN B 150 15.46 3.19 -25.08
N TYR B 151 16.55 3.73 -24.52
CA TYR B 151 17.77 2.97 -24.16
C TYR B 151 17.42 1.91 -23.10
N LEU B 152 16.72 2.31 -22.04
CA LEU B 152 16.31 1.42 -20.92
C LEU B 152 15.45 0.28 -21.49
N HIS B 153 14.36 0.63 -22.17
CA HIS B 153 13.40 -0.32 -22.79
C HIS B 153 14.15 -1.32 -23.67
N ARG B 154 15.07 -0.83 -24.50
CA ARG B 154 15.92 -1.68 -25.39
C ARG B 154 16.70 -2.67 -24.54
N ASN B 155 17.08 -2.28 -23.31
CA ASN B 155 17.85 -3.13 -22.37
C ASN B 155 16.90 -3.79 -21.36
N ARG B 156 15.64 -4.01 -21.76
CA ARG B 156 14.59 -4.77 -21.03
C ARG B 156 14.47 -4.24 -19.59
N VAL B 157 14.50 -2.92 -19.40
CA VAL B 157 14.31 -2.25 -18.07
C VAL B 157 13.09 -1.33 -18.14
N ILE B 158 12.16 -1.51 -17.20
CA ILE B 158 11.01 -0.59 -16.94
C ILE B 158 11.36 0.22 -15.68
N HIS B 159 11.35 1.56 -15.79
CA HIS B 159 11.67 2.49 -14.69
C HIS B 159 10.54 2.50 -13.66
N ARG B 160 9.29 2.62 -14.13
CA ARG B 160 8.04 2.45 -13.33
C ARG B 160 7.82 3.63 -12.37
N ASP B 161 8.65 4.68 -12.42
CA ASP B 161 8.52 5.86 -11.52
C ASP B 161 9.23 7.07 -12.13
N LEU B 162 9.03 7.35 -13.42
CA LEU B 162 9.53 8.59 -14.08
C LEU B 162 8.70 9.76 -13.55
N LYS B 163 9.36 10.78 -13.00
CA LYS B 163 8.72 12.02 -12.46
C LYS B 163 9.71 13.17 -12.56
N LEU B 164 9.24 14.40 -12.40
CA LEU B 164 10.08 15.63 -12.50
C LEU B 164 11.27 15.50 -11.54
N GLY B 165 11.00 14.97 -10.33
CA GLY B 165 11.97 14.86 -9.22
C GLY B 165 13.18 14.00 -9.53
N ASN B 166 13.06 13.02 -10.42
CA ASN B 166 14.16 12.06 -10.75
C ASN B 166 14.60 12.20 -12.20
N LEU B 167 14.16 13.26 -12.88
CA LEU B 167 14.70 13.68 -14.21
C LEU B 167 15.64 14.86 -13.97
N PHE B 168 16.94 14.57 -13.76
CA PHE B 168 17.96 15.54 -13.27
C PHE B 168 18.48 16.36 -14.47
N LEU B 169 19.05 17.53 -14.18
CA LEU B 169 19.63 18.46 -15.18
C LEU B 169 21.09 18.72 -14.84
N ASN B 170 22.02 18.36 -15.74
CA ASN B 170 23.46 18.68 -15.60
C ASN B 170 23.66 20.18 -15.90
N GLU B 171 24.91 20.64 -15.81
CA GLU B 171 25.30 22.06 -16.00
C GLU B 171 24.69 22.61 -17.29
N ASP B 172 24.75 21.84 -18.39
CA ASP B 172 24.30 22.27 -19.75
C ASP B 172 22.82 21.95 -19.99
N LEU B 173 22.06 21.64 -18.94
CA LEU B 173 20.60 21.31 -18.98
C LEU B 173 20.37 20.09 -19.89
N GLU B 174 21.25 19.10 -19.83
CA GLU B 174 21.01 17.74 -20.39
C GLU B 174 20.25 16.94 -19.33
N VAL B 175 19.16 16.28 -19.74
CA VAL B 175 18.27 15.48 -18.85
C VAL B 175 18.95 14.14 -18.59
N LYS B 176 19.06 13.76 -17.33
CA LYS B 176 19.62 12.45 -16.89
C LYS B 176 18.56 11.74 -16.04
N ILE B 177 18.04 10.60 -16.53
CA ILE B 177 17.09 9.74 -15.77
C ILE B 177 17.87 9.11 -14.61
N GLY B 178 17.38 9.29 -13.38
CA GLY B 178 17.89 8.60 -12.18
C GLY B 178 16.76 7.99 -11.37
N ASP B 179 17.07 7.54 -10.15
CA ASP B 179 16.12 6.94 -9.17
C ASP B 179 15.51 5.66 -9.73
N PHE B 180 16.25 4.55 -9.64
CA PHE B 180 15.80 3.22 -10.13
C PHE B 180 15.26 2.37 -8.98
N GLY B 181 14.71 3.02 -7.94
CA GLY B 181 14.16 2.37 -6.73
C GLY B 181 13.05 1.38 -7.05
N LEU B 182 12.13 1.75 -7.96
CA LEU B 182 10.93 0.93 -8.33
C LEU B 182 11.18 0.21 -9.67
N ALA B 183 12.36 0.38 -10.27
CA ALA B 183 12.70 -0.19 -11.60
C ALA B 183 12.76 -1.72 -11.51
N THR B 184 12.44 -2.42 -12.62
CA THR B 184 12.52 -3.90 -12.75
C THR B 184 13.16 -4.29 -14.08
N LYS B 185 13.71 -5.51 -14.11
CA LYS B 185 14.34 -6.14 -15.30
C LYS B 185 13.39 -7.22 -15.85
N VAL B 186 12.97 -7.08 -17.12
CA VAL B 186 12.11 -8.06 -17.84
C VAL B 186 12.96 -9.27 -18.24
N GLU B 187 12.62 -10.46 -17.74
CA GLU B 187 13.45 -11.68 -17.86
C GLU B 187 13.21 -12.34 -19.23
N TYR B 188 11.97 -12.31 -19.73
CA TYR B 188 11.54 -13.08 -20.93
C TYR B 188 10.50 -12.27 -21.73
N ASP B 189 10.37 -12.61 -23.03
CA ASP B 189 9.47 -11.89 -23.97
CA ASP B 189 9.47 -11.92 -23.99
C ASP B 189 8.01 -12.23 -23.61
N GLY B 190 7.23 -11.19 -23.27
CA GLY B 190 5.80 -11.29 -22.94
C GLY B 190 5.52 -11.08 -21.46
N GLU B 191 6.57 -11.00 -20.63
CA GLU B 191 6.44 -10.90 -19.15
C GLU B 191 5.65 -9.65 -18.77
N ARG B 192 4.66 -9.81 -17.86
CA ARG B 192 3.94 -8.71 -17.17
C ARG B 192 4.24 -8.83 -15.67
N LYS B 193 4.39 -7.70 -14.97
CA LYS B 193 4.75 -7.62 -13.53
C LYS B 193 3.53 -7.15 -12.74
N LYS B 194 3.48 -7.48 -11.44
CA LYS B 194 2.38 -7.16 -10.49
C LYS B 194 2.95 -6.35 -9.32
N THR B 195 3.90 -6.94 -8.59
CA THR B 195 4.44 -6.46 -7.30
C THR B 195 5.35 -5.26 -7.55
N LEU B 196 5.22 -4.24 -6.71
CA LEU B 196 6.02 -2.99 -6.67
C LEU B 196 6.49 -2.77 -5.23
N CYS B 197 7.80 -2.55 -5.02
CA CYS B 197 8.40 -2.31 -3.68
C CYS B 197 8.25 -0.85 -3.27
N GLY B 198 7.14 -0.19 -3.65
CA GLY B 198 6.90 1.25 -3.47
C GLY B 198 5.81 1.78 -4.38
N THR B 199 5.32 2.99 -4.11
CA THR B 199 4.17 3.63 -4.80
C THR B 199 4.67 4.68 -5.80
N PRO B 200 4.60 4.42 -7.12
CA PRO B 200 5.00 5.42 -8.10
C PRO B 200 4.25 6.75 -7.92
N ASN B 201 4.92 7.86 -8.28
CA ASN B 201 4.34 9.23 -8.24
C ASN B 201 3.10 9.27 -9.15
N TYR B 202 3.27 8.89 -10.42
CA TYR B 202 2.18 8.78 -11.43
C TYR B 202 1.72 7.33 -11.53
N ILE B 203 0.59 6.99 -10.90
CA ILE B 203 -0.01 5.63 -10.96
C ILE B 203 -0.71 5.46 -12.31
N ALA B 204 -0.24 4.50 -13.11
CA ALA B 204 -0.87 4.07 -14.39
C ALA B 204 -2.13 3.25 -14.07
N PRO B 205 -3.17 3.28 -14.94
CA PRO B 205 -4.41 2.53 -14.72
C PRO B 205 -4.23 1.03 -14.43
N GLU B 206 -3.31 0.37 -15.14
CA GLU B 206 -3.07 -1.10 -15.05
C GLU B 206 -2.28 -1.44 -13.77
N VAL B 207 -1.65 -0.44 -13.12
CA VAL B 207 -1.03 -0.59 -11.78
C VAL B 207 -2.13 -0.37 -10.72
N LEU B 208 -2.97 0.65 -10.94
CA LEU B 208 -4.13 1.00 -10.06
C LEU B 208 -5.03 -0.23 -9.90
N SER B 209 -5.39 -0.88 -11.02
CA SER B 209 -6.31 -2.05 -11.06
C SER B 209 -5.57 -3.36 -10.75
N ASP B 210 -4.24 -3.29 -10.61
CA ASP B 210 -3.36 -4.45 -10.26
C ASP B 210 -3.52 -5.54 -11.32
N ALA B 211 -3.58 -5.14 -12.59
CA ALA B 211 -3.92 -6.00 -13.75
C ALA B 211 -2.65 -6.69 -14.30
N GLY B 212 -1.49 -6.39 -13.73
CA GLY B 212 -0.18 -6.67 -14.38
C GLY B 212 0.18 -5.53 -15.31
N HIS B 213 1.48 -5.28 -15.51
CA HIS B 213 2.00 -4.15 -16.32
C HIS B 213 3.33 -4.51 -16.96
N SER B 214 3.75 -3.76 -17.98
CA SER B 214 5.05 -3.88 -18.69
C SER B 214 5.60 -2.49 -19.01
N PHE B 215 6.38 -2.36 -20.09
CA PHE B 215 7.07 -1.13 -20.55
C PHE B 215 6.09 0.05 -20.68
N GLU B 216 4.81 -0.24 -20.94
CA GLU B 216 3.78 0.77 -21.28
C GLU B 216 3.59 1.76 -20.11
N VAL B 217 3.89 1.36 -18.87
CA VAL B 217 3.79 2.27 -17.67
C VAL B 217 4.69 3.49 -17.88
N ASP B 218 5.87 3.30 -18.46
CA ASP B 218 6.87 4.39 -18.66
C ASP B 218 6.30 5.42 -19.64
N VAL B 219 5.57 4.98 -20.66
CA VAL B 219 4.91 5.87 -21.67
C VAL B 219 3.83 6.70 -20.96
N TRP B 220 3.06 6.09 -20.06
CA TRP B 220 1.97 6.76 -19.29
C TRP B 220 2.55 7.95 -18.53
N SER B 221 3.65 7.76 -17.81
CA SER B 221 4.29 8.79 -16.94
C SER B 221 4.85 9.93 -17.82
N ILE B 222 5.44 9.59 -18.96
CA ILE B 222 5.95 10.57 -19.97
C ILE B 222 4.78 11.43 -20.46
N GLY B 223 3.61 10.81 -20.67
CA GLY B 223 2.35 11.50 -20.98
C GLY B 223 1.93 12.45 -19.87
N CYS B 224 1.98 11.98 -18.61
CA CYS B 224 1.70 12.77 -17.40
C CYS B 224 2.74 13.90 -17.27
N ILE B 225 4.01 13.58 -17.55
CA ILE B 225 5.14 14.54 -17.46
C ILE B 225 4.97 15.59 -18.56
N MET B 226 4.68 15.15 -19.79
CA MET B 226 4.46 16.04 -20.97
C MET B 226 3.36 17.04 -20.62
N TYR B 227 2.22 16.55 -20.12
CA TYR B 227 1.04 17.36 -19.73
C TYR B 227 1.48 18.46 -18.76
N THR B 228 2.14 18.08 -17.66
CA THR B 228 2.57 18.99 -16.57
C THR B 228 3.47 20.09 -17.16
N LEU B 229 4.42 19.72 -18.03
CA LEU B 229 5.40 20.67 -18.60
C LEU B 229 4.68 21.72 -19.45
N LEU B 230 3.61 21.35 -20.14
CA LEU B 230 2.89 22.23 -21.11
C LEU B 230 1.78 23.00 -20.39
N VAL B 231 1.15 22.41 -19.38
CA VAL B 231 -0.08 22.94 -18.70
C VAL B 231 0.30 23.63 -17.38
N GLY B 232 1.40 23.20 -16.75
CA GLY B 232 1.93 23.78 -15.51
C GLY B 232 1.22 23.23 -14.27
N LYS B 233 0.53 22.09 -14.43
CA LYS B 233 -0.24 21.39 -13.38
C LYS B 233 -0.35 19.91 -13.78
N PRO B 234 -0.43 18.95 -12.83
CA PRO B 234 -0.57 17.53 -13.20
C PRO B 234 -1.93 17.23 -13.84
N PRO B 235 -2.03 16.16 -14.67
CA PRO B 235 -3.25 15.89 -15.43
C PRO B 235 -4.46 15.47 -14.59
N PHE B 236 -4.24 14.59 -13.61
CA PHE B 236 -5.29 13.90 -12.82
C PHE B 236 -5.32 14.39 -11.36
N GLU B 237 -4.16 14.78 -10.81
CA GLU B 237 -4.00 15.14 -9.38
C GLU B 237 -5.07 16.16 -8.98
N THR B 238 -5.67 15.97 -7.81
CA THR B 238 -6.71 16.85 -7.20
C THR B 238 -6.37 17.02 -5.71
N SER B 239 -7.24 17.71 -4.95
CA SER B 239 -7.09 17.95 -3.49
C SER B 239 -6.89 16.62 -2.75
N CYS B 240 -7.86 15.71 -2.82
CA CYS B 240 -7.85 14.37 -2.14
C CYS B 240 -7.51 13.29 -3.16
N LEU B 241 -6.90 12.19 -2.70
CA LEU B 241 -6.38 11.09 -3.54
C LEU B 241 -7.54 10.23 -4.10
N LYS B 242 -8.65 10.12 -3.36
CA LYS B 242 -9.79 9.25 -3.72
C LYS B 242 -10.35 9.67 -5.08
N GLU B 243 -10.50 10.98 -5.32
CA GLU B 243 -10.99 11.57 -6.59
C GLU B 243 -9.92 11.42 -7.67
N THR B 244 -8.64 11.62 -7.29
CA THR B 244 -7.47 11.52 -8.20
C THR B 244 -7.44 10.14 -8.88
N TYR B 245 -7.60 9.08 -8.09
CA TYR B 245 -7.50 7.66 -8.55
C TYR B 245 -8.75 7.26 -9.33
N LEU B 246 -9.92 7.81 -8.98
CA LEU B 246 -11.19 7.58 -9.71
C LEU B 246 -11.07 8.17 -11.13
N ARG B 247 -10.43 9.34 -11.25
CA ARG B 247 -10.19 10.04 -12.54
C ARG B 247 -9.26 9.20 -13.42
N ILE B 248 -8.20 8.62 -12.84
CA ILE B 248 -7.23 7.73 -13.54
C ILE B 248 -7.97 6.50 -14.05
N LYS B 249 -8.84 5.91 -13.21
CA LYS B 249 -9.60 4.68 -13.51
C LYS B 249 -10.50 4.90 -14.74
N LYS B 250 -11.18 6.05 -14.83
CA LYS B 250 -12.15 6.35 -15.92
C LYS B 250 -11.50 7.21 -17.01
N ASN B 251 -10.20 7.53 -16.87
CA ASN B 251 -9.40 8.31 -17.86
C ASN B 251 -9.99 9.73 -17.98
N GLU B 252 -10.38 10.33 -16.85
CA GLU B 252 -10.98 11.69 -16.77
C GLU B 252 -9.87 12.73 -16.65
N TYR B 253 -9.60 13.47 -17.73
CA TYR B 253 -8.73 14.67 -17.73
C TYR B 253 -9.15 15.59 -18.88
N SER B 254 -8.82 16.87 -18.75
CA SER B 254 -9.15 17.94 -19.73
C SER B 254 -7.86 18.66 -20.12
N ILE B 255 -7.60 18.75 -21.42
CA ILE B 255 -6.45 19.50 -22.01
C ILE B 255 -6.93 20.91 -22.33
N PRO B 256 -6.32 21.96 -21.72
CA PRO B 256 -6.73 23.34 -21.97
C PRO B 256 -6.78 23.67 -23.47
N LYS B 257 -7.74 24.51 -23.88
CA LYS B 257 -7.97 24.91 -25.29
C LYS B 257 -6.72 25.60 -25.85
N HIS B 258 -5.81 26.08 -25.00
CA HIS B 258 -4.62 26.90 -25.37
C HIS B 258 -3.46 26.01 -25.84
N ILE B 259 -3.46 24.71 -25.52
CA ILE B 259 -2.40 23.74 -25.91
C ILE B 259 -2.48 23.54 -27.43
N ASN B 260 -1.33 23.40 -28.09
CA ASN B 260 -1.24 23.19 -29.56
CA ASN B 260 -1.23 23.19 -29.57
C ASN B 260 -1.85 21.83 -29.91
N PRO B 261 -2.64 21.72 -31.01
CA PRO B 261 -3.28 20.45 -31.38
C PRO B 261 -2.34 19.24 -31.36
N VAL B 262 -1.24 19.30 -32.13
CA VAL B 262 -0.31 18.16 -32.36
C VAL B 262 0.13 17.60 -31.01
N ALA B 263 0.53 18.47 -30.08
CA ALA B 263 1.01 18.14 -28.72
C ALA B 263 -0.13 17.51 -27.90
N ALA B 264 -1.29 18.14 -27.89
CA ALA B 264 -2.53 17.66 -27.20
C ALA B 264 -2.90 16.27 -27.73
N SER B 265 -2.72 16.04 -29.03
CA SER B 265 -2.99 14.73 -29.69
C SER B 265 -2.07 13.66 -29.11
N LEU B 266 -0.77 13.97 -29.01
CA LEU B 266 0.30 13.05 -28.52
C LEU B 266 0.06 12.73 -27.05
N ILE B 267 -0.45 13.69 -26.26
CA ILE B 267 -0.82 13.49 -24.84
C ILE B 267 -1.96 12.46 -24.78
N GLN B 268 -3.01 12.66 -25.59
CA GLN B 268 -4.20 11.79 -25.66
C GLN B 268 -3.77 10.36 -26.04
N LYS B 269 -2.85 10.23 -27.00
CA LYS B 269 -2.28 8.93 -27.46
C LYS B 269 -1.64 8.20 -26.26
N MET B 270 -0.82 8.90 -25.47
CA MET B 270 -0.06 8.33 -24.33
C MET B 270 -0.98 8.00 -23.14
N LEU B 271 -1.89 8.92 -22.79
CA LEU B 271 -2.74 8.79 -21.57
C LEU B 271 -4.04 8.05 -21.90
N GLN B 272 -3.93 6.78 -22.28
CA GLN B 272 -5.07 5.88 -22.59
C GLN B 272 -5.11 4.74 -21.57
N THR B 273 -6.32 4.33 -21.19
CA THR B 273 -6.57 3.23 -20.22
C THR B 273 -5.91 1.94 -20.73
N ASP B 274 -6.07 1.65 -22.03
CA ASP B 274 -5.48 0.45 -22.67
C ASP B 274 -3.98 0.67 -22.87
N PRO B 275 -3.10 -0.11 -22.18
CA PRO B 275 -1.66 -0.02 -22.41
C PRO B 275 -1.26 -0.26 -23.88
N THR B 276 -1.88 -1.27 -24.52
CA THR B 276 -1.56 -1.70 -25.90
C THR B 276 -1.90 -0.58 -26.90
N ALA B 277 -2.87 0.27 -26.57
CA ALA B 277 -3.34 1.41 -27.39
C ALA B 277 -2.28 2.53 -27.42
N ARG B 278 -1.46 2.64 -26.38
CA ARG B 278 -0.44 3.72 -26.25
C ARG B 278 0.68 3.50 -27.27
N PRO B 279 1.40 4.57 -27.67
CA PRO B 279 2.60 4.41 -28.47
C PRO B 279 3.62 3.55 -27.72
N THR B 280 4.51 2.88 -28.45
CA THR B 280 5.78 2.34 -27.92
C THR B 280 6.77 3.51 -27.83
N ILE B 281 7.76 3.42 -26.94
CA ILE B 281 8.82 4.45 -26.77
C ILE B 281 9.46 4.76 -28.13
N ASN B 282 9.49 3.78 -29.03
CA ASN B 282 10.12 3.88 -30.38
C ASN B 282 9.19 4.67 -31.32
N GLU B 283 7.88 4.42 -31.25
CA GLU B 283 6.83 5.14 -32.03
C GLU B 283 6.69 6.57 -31.52
N LEU B 284 6.70 6.73 -30.19
CA LEU B 284 6.59 8.02 -29.48
C LEU B 284 7.58 9.03 -30.07
N LEU B 285 8.86 8.66 -30.15
CA LEU B 285 9.96 9.54 -30.61
C LEU B 285 9.71 10.04 -32.04
N ASN B 286 8.95 9.29 -32.84
CA ASN B 286 8.67 9.60 -34.26
C ASN B 286 7.32 10.31 -34.41
N ASP B 287 6.86 11.04 -33.39
CA ASP B 287 5.56 11.78 -33.43
C ASP B 287 5.77 13.13 -34.12
N GLU B 288 4.73 13.61 -34.83
CA GLU B 288 4.72 14.93 -35.53
C GLU B 288 5.19 16.02 -34.54
N PHE B 289 4.84 15.87 -33.26
CA PHE B 289 5.27 16.78 -32.17
C PHE B 289 6.79 16.97 -32.24
N PHE B 290 7.53 15.86 -32.38
CA PHE B 290 9.01 15.83 -32.39
C PHE B 290 9.56 16.11 -33.80
N THR B 291 9.00 15.46 -34.83
CA THR B 291 9.56 15.46 -36.21
C THR B 291 9.31 16.81 -36.88
N SER B 292 8.13 17.39 -36.73
CA SER B 292 7.68 18.63 -37.42
C SER B 292 7.87 19.87 -36.55
N GLY B 293 7.98 19.70 -35.22
CA GLY B 293 8.15 20.81 -34.26
C GLY B 293 9.60 21.26 -34.16
N TYR B 294 9.82 22.49 -33.70
CA TYR B 294 11.17 23.08 -33.49
C TYR B 294 11.78 22.57 -32.18
N ILE B 295 12.93 21.90 -32.27
CA ILE B 295 13.77 21.48 -31.11
C ILE B 295 15.00 22.39 -31.02
N PRO B 296 15.15 23.20 -29.95
CA PRO B 296 16.42 23.85 -29.65
C PRO B 296 17.54 22.83 -29.42
N ALA B 297 18.74 23.13 -29.94
CA ALA B 297 19.97 22.32 -29.74
C ALA B 297 20.49 22.53 -28.32
N ARG B 298 20.35 23.75 -27.80
CA ARG B 298 20.81 24.17 -26.45
C ARG B 298 19.79 25.16 -25.88
N LEU B 299 19.56 25.11 -24.56
CA LEU B 299 18.77 26.13 -23.82
C LEU B 299 19.72 27.03 -23.04
N PRO B 300 19.45 28.36 -22.95
CA PRO B 300 20.20 29.23 -22.04
C PRO B 300 19.83 28.94 -20.58
N ILE B 301 20.74 29.23 -19.66
CA ILE B 301 20.62 28.93 -18.21
C ILE B 301 19.54 29.82 -17.58
N THR B 302 19.12 30.88 -18.27
CA THR B 302 18.03 31.80 -17.83
C THR B 302 16.69 31.06 -17.88
N CYS B 303 16.61 29.98 -18.66
CA CYS B 303 15.36 29.21 -18.89
CA CYS B 303 15.36 29.18 -18.89
C CYS B 303 14.87 28.59 -17.58
N LEU B 304 15.75 28.43 -16.59
CA LEU B 304 15.40 27.90 -15.25
C LEU B 304 14.51 28.89 -14.47
N THR B 305 14.54 30.18 -14.81
CA THR B 305 13.84 31.25 -14.06
C THR B 305 12.91 32.10 -14.97
N ILE B 306 13.25 32.31 -16.25
CA ILE B 306 12.46 33.20 -17.17
C ILE B 306 12.24 32.49 -18.50
N PRO B 307 11.02 32.59 -19.11
CA PRO B 307 10.74 31.98 -20.40
C PRO B 307 11.53 32.63 -21.54
N PRO B 308 12.24 31.84 -22.37
CA PRO B 308 13.08 32.37 -23.44
C PRO B 308 12.29 32.71 -24.71
N ARG B 309 12.87 33.56 -25.57
CA ARG B 309 12.32 33.93 -26.90
C ARG B 309 12.97 33.05 -27.97
N PHE B 310 12.16 32.53 -28.89
CA PHE B 310 12.59 31.72 -30.07
C PHE B 310 12.16 32.44 -31.36
N SER B 311 10.85 32.45 -31.66
CA SER B 311 10.22 33.07 -32.87
C SER B 311 11.12 32.88 -34.10
#